data_4Z6A
#
_entry.id   4Z6A
#
_cell.length_a   67.030
_cell.length_b   81.700
_cell.length_c   124.560
_cell.angle_alpha   90.00
_cell.angle_beta   90.00
_cell.angle_gamma   90.00
#
_symmetry.space_group_name_H-M   'P 21 21 21'
#
loop_
_entity.id
_entity.type
_entity.pdbx_description
1 polymer 'Coagulation factor VII'
2 polymer 'Coagulation factor VII'
3 polymer 'Tissue factor'
4 non-polymer beta-D-glucopyranose
5 non-polymer alpha-L-fucopyranose
6 non-polymer D-phenylalanyl-N-[(2S,3S)-6-{[amino(iminio)methyl]amino}-1-chloro-2-hydroxyhexan-3-yl]-L-phenylalaninamide
7 non-polymer 'CALCIUM ION'
8 non-polymer 'CITRIC ACID'
9 water water
#
loop_
_entity_poly.entity_id
_entity_poly.type
_entity_poly.pdbx_seq_one_letter_code
_entity_poly.pdbx_strand_id
1 'polypeptide(L)'
;DQCASSPCQNGGSCKDQLQSYICFCLPAFEGRNCETHKDDQLICVNENGGCEQYCSDHTGTKRSCRCHEGYSLLADGVSC
TPTVEYPCGKIPILEK
;
L
2 'polypeptide(L)'
;IVGGKVCPKGECPWQVLLLVNGAQLCGGTLINTIWVVSAAHCFDKIKNWRNLIAVLGEHDLSEHDGDEQSRRVAQVIIPS
TYVPGTTNHDIALLRLHQPVVLTDHVVPLCLPERTFSERTLAFVRFSLVSGWGQLLDRGATALELMVLNVPRLMTQDCEA
SYPGKITEYMFCAGYSDGSKDSCKGDSGGPHATHYRGTWYLTGIVSWGQGCATVGHFGVYTRVSQYIEWLQKLMRSEPRP
GVLLRAPFP
;
H
3 'polypeptide(L)'
;TNTVAAYNLTWKSTNFKTILEWEPKPVNQVYTVQISTKSGDWKSKCFYTTDTECDLTDEIVKDVKQTYLARVFSYPAGNV
ESTGSAGEPLYENSPEFTPYLETNLGQPTIQSFEQVGTKVNVTVEDERTLVRRNNTFLSLRDVFGKDLIYTLYYWKSSSS
GKKTAKTNTNEFLIDVDKGENYCFSVQAVIPSRTVNRKSTDSPVECM
;
T
#
loop_
_chem_comp.id
_chem_comp.type
_chem_comp.name
_chem_comp.formula
0Z6 peptide-like D-phenylalanyl-N-[(2S,3S)-6-{[amino(iminio)methyl]amino}-1-chloro-2-hydroxyhexan-3-yl]-L-phenylalaninamide 'C25 H36 Cl N6 O3 1'
BGC D-saccharide, beta linking beta-D-glucopyranose 'C6 H12 O6'
CA non-polymer 'CALCIUM ION' 'Ca 2'
CIT non-polymer 'CITRIC ACID' 'C6 H8 O7'
FUC L-saccharide, alpha linking alpha-L-fucopyranose 'C6 H12 O5'
#
# COMPACT_ATOMS: atom_id res chain seq x y z
N ASP A 1 11.64 4.92 -39.22
CA ASP A 1 11.24 4.36 -37.93
C ASP A 1 12.35 4.52 -36.90
N GLN A 2 11.99 5.00 -35.72
CA GLN A 2 12.96 5.31 -34.67
C GLN A 2 13.52 4.06 -33.98
N CYS A 3 13.06 2.89 -34.40
CA CYS A 3 13.53 1.64 -33.82
C CYS A 3 14.88 1.22 -34.41
N ALA A 4 15.30 1.90 -35.46
CA ALA A 4 16.55 1.58 -36.15
C ALA A 4 17.78 1.71 -35.24
N SER A 5 17.62 2.41 -34.12
CA SER A 5 18.67 2.50 -33.10
C SER A 5 18.80 1.20 -32.32
N SER A 6 17.72 0.41 -32.32
CA SER A 6 17.67 -0.82 -31.54
C SER A 6 17.85 -0.56 -30.05
N PRO A 7 17.06 0.37 -29.50
CA PRO A 7 17.19 0.72 -28.08
C PRO A 7 16.78 -0.39 -27.12
N CYS A 8 15.87 -1.26 -27.53
CA CYS A 8 15.36 -2.31 -26.66
C CYS A 8 16.40 -3.39 -26.38
N GLN A 9 16.95 -3.37 -25.16
CA GLN A 9 18.04 -4.26 -24.77
C GLN A 9 17.54 -5.64 -24.32
N ASN A 10 18.49 -6.55 -24.11
CA ASN A 10 18.23 -7.86 -23.52
C ASN A 10 17.17 -8.68 -24.25
N GLY A 11 17.29 -8.78 -25.57
CA GLY A 11 16.37 -9.56 -26.36
C GLY A 11 14.99 -8.93 -26.44
N GLY A 12 14.89 -7.66 -26.09
CA GLY A 12 13.63 -6.95 -26.16
C GLY A 12 13.18 -6.80 -27.59
N SER A 13 11.97 -6.28 -27.78
CA SER A 13 11.40 -6.07 -29.10
C SER A 13 10.90 -4.64 -29.24
N CYS A 14 11.43 -3.94 -30.25
CA CYS A 14 11.09 -2.55 -30.50
C CYS A 14 9.88 -2.46 -31.45
N LYS A 15 8.97 -1.54 -31.14
CA LYS A 15 7.82 -1.25 -31.99
C LYS A 15 7.75 0.26 -32.23
N ASP A 16 7.68 0.64 -33.50
CA ASP A 16 7.81 2.03 -33.90
C ASP A 16 6.53 2.83 -33.73
N GLN A 17 6.65 4.00 -33.12
CA GLN A 17 5.54 4.94 -32.98
C GLN A 17 5.76 6.16 -33.87
N LEU A 18 4.91 7.17 -33.72
CA LEU A 18 4.96 8.35 -34.59
C LEU A 18 6.28 9.09 -34.45
N GLN A 19 6.67 9.38 -33.21
CA GLN A 19 7.89 10.14 -32.94
C GLN A 19 8.64 9.56 -31.76
N SER A 20 8.45 8.26 -31.52
CA SER A 20 9.13 7.55 -30.46
C SER A 20 8.94 6.05 -30.63
N TYR A 21 9.04 5.30 -29.54
CA TYR A 21 8.91 3.84 -29.59
C TYR A 21 8.47 3.26 -28.25
N ILE A 22 8.22 1.96 -28.25
CA ILE A 22 7.95 1.23 -27.02
C ILE A 22 8.68 -0.10 -27.10
N CYS A 23 9.21 -0.54 -25.97
CA CYS A 23 9.94 -1.80 -25.88
C CYS A 23 9.12 -2.89 -25.20
N PHE A 24 8.91 -3.98 -25.91
CA PHE A 24 8.34 -5.20 -25.36
C PHE A 24 9.49 -6.02 -24.78
N CYS A 25 9.46 -6.26 -23.48
CA CYS A 25 10.56 -6.92 -22.79
C CYS A 25 10.27 -8.40 -22.52
N LEU A 26 11.34 -9.18 -22.39
CA LEU A 26 11.21 -10.56 -21.90
C LEU A 26 10.73 -10.51 -20.45
N PRO A 27 10.19 -11.64 -19.97
CA PRO A 27 9.61 -11.68 -18.62
C PRO A 27 10.57 -11.30 -17.49
N ALA A 28 11.88 -11.34 -17.75
CA ALA A 28 12.87 -11.08 -16.71
C ALA A 28 13.34 -9.63 -16.71
N PHE A 29 12.72 -8.80 -17.54
CA PHE A 29 13.18 -7.43 -17.73
C PHE A 29 12.05 -6.41 -17.75
N GLU A 30 12.40 -5.18 -17.37
CA GLU A 30 11.50 -4.04 -17.49
C GLU A 30 12.33 -2.79 -17.77
N GLY A 31 11.68 -1.63 -17.79
CA GLY A 31 12.34 -0.39 -18.12
C GLY A 31 11.99 0.07 -19.52
N ARG A 32 12.25 1.35 -19.81
CA ARG A 32 11.95 1.91 -21.12
C ARG A 32 12.68 1.14 -22.22
N ASN A 33 13.85 0.61 -21.89
CA ASN A 33 14.67 -0.14 -22.84
C ASN A 33 15.00 -1.54 -22.35
N CYS A 34 14.14 -2.07 -21.47
CA CYS A 34 14.31 -3.41 -20.93
C CYS A 34 15.65 -3.55 -20.19
N GLU A 35 16.14 -2.45 -19.63
CA GLU A 35 17.48 -2.42 -19.06
C GLU A 35 17.55 -3.01 -17.64
N THR A 36 16.42 -3.02 -16.92
CA THR A 36 16.40 -3.49 -15.53
C THR A 36 16.26 -5.00 -15.44
N HIS A 37 17.21 -5.63 -14.73
CA HIS A 37 17.10 -7.05 -14.40
C HIS A 37 16.24 -7.22 -13.15
N LYS A 38 15.20 -8.03 -13.23
CA LYS A 38 14.29 -8.20 -12.10
C LYS A 38 14.86 -9.09 -11.00
N ASP A 39 15.87 -9.90 -11.34
CA ASP A 39 16.47 -10.83 -10.39
C ASP A 39 17.50 -10.15 -9.49
N ASP A 40 18.25 -9.22 -10.05
CA ASP A 40 19.36 -8.59 -9.34
C ASP A 40 18.89 -7.50 -8.38
N GLN A 41 17.99 -7.85 -7.48
CA GLN A 41 17.43 -6.87 -6.53
C GLN A 41 17.01 -7.51 -5.22
N LEU A 42 17.89 -8.30 -4.60
CA LEU A 42 17.59 -8.98 -3.34
C LEU A 42 17.93 -8.11 -2.12
N ILE A 43 17.02 -7.18 -1.79
CA ILE A 43 17.22 -6.24 -0.68
C ILE A 43 15.98 -6.11 0.18
N CYS A 44 16.17 -5.71 1.43
CA CYS A 44 15.09 -5.71 2.41
C CYS A 44 14.00 -4.69 2.09
N VAL A 45 14.37 -3.63 1.38
CA VAL A 45 13.43 -2.58 1.04
C VAL A 45 12.49 -3.04 -0.09
N ASN A 46 12.86 -4.14 -0.75
CA ASN A 46 12.12 -4.67 -1.89
C ASN A 46 11.36 -5.96 -1.54
N GLU A 47 10.07 -5.81 -1.23
CA GLU A 47 9.22 -6.94 -0.89
C GLU A 47 9.79 -7.72 0.28
N ASN A 48 10.30 -6.98 1.26
CA ASN A 48 10.83 -7.55 2.49
C ASN A 48 11.94 -8.55 2.24
N GLY A 49 12.65 -8.37 1.13
CA GLY A 49 13.73 -9.26 0.75
C GLY A 49 13.29 -10.69 0.52
N GLY A 50 11.98 -10.90 0.40
CA GLY A 50 11.46 -12.25 0.24
C GLY A 50 11.46 -13.03 1.55
N CYS A 51 11.74 -12.34 2.65
CA CYS A 51 11.66 -12.94 3.98
C CYS A 51 10.21 -12.98 4.47
N GLU A 52 9.82 -14.04 5.17
CA GLU A 52 8.48 -14.12 5.73
C GLU A 52 8.31 -13.10 6.86
N GLN A 53 9.36 -12.93 7.67
CA GLN A 53 9.32 -12.00 8.79
C GLN A 53 10.42 -10.94 8.67
N TYR A 54 11.54 -11.14 9.35
CA TYR A 54 12.58 -10.11 9.43
C TYR A 54 13.66 -10.27 8.37
N CYS A 55 14.25 -9.15 7.98
CA CYS A 55 15.25 -9.09 6.91
C CYS A 55 16.41 -8.17 7.30
N SER A 56 17.61 -8.48 6.83
CA SER A 56 18.75 -7.60 7.03
C SER A 56 19.61 -7.47 5.77
N ASP A 57 20.30 -6.34 5.65
CA ASP A 57 21.30 -6.11 4.59
C ASP A 57 22.67 -6.21 5.33
N HIS A 58 23.81 -5.60 4.95
CA HIS A 58 24.03 -4.63 3.88
C HIS A 58 24.78 -5.24 2.70
N THR A 59 24.08 -5.37 1.57
CA THR A 59 24.68 -5.86 0.34
C THR A 59 23.66 -5.79 -0.79
N LYS A 62 15.78 -12.16 1.52
CA LYS A 62 17.15 -11.94 1.92
C LYS A 62 17.93 -13.23 1.66
N ARG A 63 19.28 -13.25 1.78
CA ARG A 63 20.16 -12.18 2.27
C ARG A 63 20.03 -12.05 3.79
N SER A 64 19.86 -13.18 4.45
CA SER A 64 19.69 -13.28 5.91
C SER A 64 18.29 -12.85 6.34
N CYS A 65 17.38 -13.82 6.36
CA CYS A 65 16.07 -13.66 6.97
C CYS A 65 16.14 -14.15 8.41
N ARG A 66 15.24 -13.65 9.24
CA ARG A 66 15.15 -14.08 10.64
C ARG A 66 13.70 -14.15 11.10
N CYS A 67 13.49 -14.73 12.27
CA CYS A 67 12.14 -14.93 12.81
C CYS A 67 11.97 -14.29 14.18
N HIS A 68 10.74 -13.90 14.47
CA HIS A 68 10.34 -13.43 15.78
C HIS A 68 10.44 -14.61 16.75
N GLU A 69 10.60 -14.30 18.04
CA GLU A 69 10.60 -15.32 19.08
C GLU A 69 9.34 -16.17 19.03
N GLY A 70 9.50 -17.47 19.28
CA GLY A 70 8.39 -18.40 19.17
C GLY A 70 8.28 -18.96 17.77
N TYR A 71 9.17 -18.50 16.89
CA TYR A 71 9.30 -19.04 15.54
C TYR A 71 10.75 -19.39 15.27
N SER A 72 10.97 -20.25 14.28
CA SER A 72 12.33 -20.51 13.83
C SER A 72 12.36 -20.47 12.30
N LEU A 73 13.55 -20.21 11.76
CA LEU A 73 13.75 -20.14 10.32
C LEU A 73 13.85 -21.53 9.71
N LEU A 74 13.08 -21.75 8.65
CA LEU A 74 13.07 -23.04 7.96
C LEU A 74 14.23 -23.16 6.97
N ALA A 75 14.30 -24.32 6.32
CA ALA A 75 15.43 -24.68 5.46
C ALA A 75 15.54 -23.77 4.24
N ASP A 76 14.43 -23.27 3.73
CA ASP A 76 14.47 -22.40 2.56
C ASP A 76 15.15 -21.06 2.88
N GLY A 77 15.40 -20.80 4.15
CA GLY A 77 16.12 -19.61 4.56
C GLY A 77 15.29 -18.34 4.51
N VAL A 78 13.97 -18.49 4.40
CA VAL A 78 13.08 -17.34 4.32
C VAL A 78 11.80 -17.55 5.12
N SER A 79 11.36 -18.80 5.23
CA SER A 79 10.12 -19.11 5.94
C SER A 79 10.34 -19.24 7.45
N CYS A 80 9.34 -18.85 8.21
CA CYS A 80 9.33 -19.04 9.66
C CYS A 80 8.22 -20.01 10.06
N THR A 81 8.48 -20.84 11.06
CA THR A 81 7.49 -21.78 11.57
C THR A 81 7.41 -21.66 13.08
N PRO A 82 6.18 -21.78 13.65
CA PRO A 82 6.05 -21.69 15.10
C PRO A 82 6.77 -22.83 15.83
N THR A 83 7.34 -22.53 17.00
CA THR A 83 8.00 -23.52 17.83
C THR A 83 7.29 -23.63 19.19
N VAL A 84 6.21 -22.89 19.35
CA VAL A 84 5.41 -22.95 20.56
C VAL A 84 3.94 -23.08 20.21
N GLU A 85 3.13 -23.48 21.19
CA GLU A 85 1.71 -23.72 20.99
C GLU A 85 0.96 -22.45 20.59
N TYR A 86 1.29 -21.34 21.24
CA TYR A 86 0.58 -20.08 21.01
C TYR A 86 1.55 -18.97 20.60
N PRO A 87 2.05 -19.05 19.35
CA PRO A 87 2.96 -18.04 18.82
C PRO A 87 2.26 -16.69 18.65
N CYS A 88 3.01 -15.61 18.79
CA CYS A 88 2.44 -14.27 18.67
C CYS A 88 1.84 -14.05 17.28
N GLY A 89 0.79 -13.23 17.21
CA GLY A 89 0.26 -12.78 15.94
C GLY A 89 -0.51 -13.80 15.13
N LYS A 90 -0.85 -14.92 15.75
CA LYS A 90 -1.71 -15.91 15.12
C LYS A 90 -2.96 -16.15 15.94
N ILE A 91 -4.05 -16.46 15.24
CA ILE A 91 -5.38 -16.51 15.82
C ILE A 91 -5.90 -17.95 15.84
N PRO A 92 -5.71 -18.66 16.98
CA PRO A 92 -6.06 -20.08 17.09
C PRO A 92 -7.44 -20.43 16.56
N ILE A 93 -8.45 -19.64 16.90
CA ILE A 93 -9.83 -19.98 16.57
C ILE A 93 -10.05 -20.05 15.06
N LEU A 94 -9.29 -19.25 14.32
CA LEU A 94 -9.32 -19.31 12.86
C LEU A 94 -8.37 -20.38 12.34
N GLU A 95 -7.16 -20.41 12.91
CA GLU A 95 -6.10 -21.33 12.49
C GLU A 95 -6.58 -22.77 12.40
N LYS A 96 -7.27 -23.22 13.43
CA LYS A 96 -7.80 -24.59 13.48
C LYS A 96 -8.81 -24.81 12.34
N ILE B 1 -15.49 2.38 18.94
CA ILE B 1 -15.29 2.23 17.51
C ILE B 1 -16.53 2.70 16.77
N VAL B 2 -16.34 3.58 15.79
CA VAL B 2 -17.45 4.08 14.98
C VAL B 2 -17.47 3.41 13.61
N GLY B 3 -18.66 2.94 13.20
CA GLY B 3 -18.86 2.37 11.89
C GLY B 3 -18.17 1.04 11.67
N GLY B 4 -17.86 0.34 12.76
CA GLY B 4 -17.17 -0.93 12.68
C GLY B 4 -18.12 -2.12 12.81
N LYS B 5 -17.58 -3.25 13.24
CA LYS B 5 -18.36 -4.46 13.45
C LYS B 5 -17.95 -5.11 14.77
N VAL B 6 -18.81 -5.95 15.32
CA VAL B 6 -18.44 -6.76 16.48
C VAL B 6 -17.30 -7.70 16.07
N CYS B 7 -16.21 -7.72 16.84
CA CYS B 7 -15.15 -8.70 16.64
C CYS B 7 -15.62 -10.05 17.18
N PRO B 8 -15.70 -11.09 16.33
CA PRO B 8 -16.10 -12.41 16.83
C PRO B 8 -15.23 -12.87 17.99
N LYS B 9 -15.85 -13.48 18.99
CA LYS B 9 -15.16 -13.89 20.21
C LYS B 9 -13.96 -14.76 19.88
N GLY B 10 -12.77 -14.28 20.26
CA GLY B 10 -11.54 -15.00 20.02
C GLY B 10 -10.71 -14.52 18.84
N GLU B 11 -11.28 -13.70 17.96
CA GLU B 11 -10.58 -13.25 16.77
C GLU B 11 -9.78 -11.96 16.98
N CYS B 12 -9.94 -11.36 18.16
CA CYS B 12 -9.07 -10.25 18.59
C CYS B 12 -8.42 -10.63 19.93
N PRO B 13 -7.62 -11.71 19.96
CA PRO B 13 -7.21 -12.34 21.21
C PRO B 13 -6.14 -11.61 22.00
N TRP B 14 -5.56 -10.56 21.42
CA TRP B 14 -4.53 -9.78 22.08
C TRP B 14 -5.12 -8.52 22.69
N GLN B 15 -6.40 -8.27 22.45
CA GLN B 15 -7.07 -7.11 23.01
C GLN B 15 -7.12 -7.21 24.54
N VAL B 16 -6.71 -6.14 25.20
CA VAL B 16 -6.77 -6.02 26.65
C VAL B 16 -7.84 -5.01 27.06
N LEU B 17 -8.50 -5.28 28.19
CA LEU B 17 -9.39 -4.31 28.83
C LEU B 17 -8.75 -3.84 30.14
N LEU B 18 -8.59 -2.53 30.27
CA LEU B 18 -8.07 -1.94 31.50
C LEU B 18 -9.20 -1.35 32.34
N LEU B 19 -9.24 -1.74 33.61
CA LEU B 19 -10.22 -1.23 34.57
C LEU B 19 -9.55 -0.45 35.71
N VAL B 20 -10.22 0.59 36.19
CA VAL B 20 -9.83 1.26 37.43
C VAL B 20 -11.03 1.29 38.35
N ASN B 21 -10.86 0.79 39.57
CA ASN B 21 -11.97 0.66 40.50
C ASN B 21 -13.17 -0.03 39.86
N GLY B 22 -12.89 -1.02 39.01
CA GLY B 22 -13.94 -1.76 38.33
C GLY B 22 -14.58 -1.00 37.17
N ALA B 23 -14.14 0.24 36.97
CA ALA B 23 -14.70 1.09 35.92
C ALA B 23 -13.85 1.01 34.65
N GLN B 24 -14.53 0.99 33.51
CA GLN B 24 -13.89 0.92 32.21
C GLN B 24 -12.99 2.15 31.96
N LEU B 25 -11.72 1.90 31.69
CA LEU B 25 -10.75 2.96 31.43
C LEU B 25 -10.34 3.01 29.95
N CYS B 26 -9.70 1.96 29.47
CA CYS B 26 -9.02 1.99 28.18
C CYS B 26 -8.79 0.59 27.62
N GLY B 27 -8.21 0.53 26.43
CA GLY B 27 -7.77 -0.73 25.85
C GLY B 27 -6.27 -0.93 26.02
N GLY B 28 -5.79 -2.06 25.52
CA GLY B 28 -4.38 -2.38 25.58
C GLY B 28 -4.07 -3.55 24.69
N THR B 29 -2.78 -3.81 24.47
CA THR B 29 -2.34 -4.89 23.60
C THR B 29 -1.34 -5.79 24.31
N LEU B 30 -1.70 -7.07 24.45
CA LEU B 30 -0.78 -8.08 24.97
C LEU B 30 0.29 -8.38 23.93
N ILE B 31 1.55 -8.33 24.33
CA ILE B 31 2.65 -8.64 23.41
C ILE B 31 3.51 -9.80 23.92
N ASN B 32 3.30 -10.19 25.17
CA ASN B 32 3.70 -11.51 25.67
C ASN B 32 2.93 -11.77 26.97
N THR B 33 3.25 -12.83 27.70
CA THR B 33 2.42 -13.20 28.84
C THR B 33 2.47 -12.16 29.97
N ILE B 34 3.51 -11.32 29.98
CA ILE B 34 3.76 -10.40 31.09
C ILE B 34 3.46 -8.94 30.75
N TRP B 35 3.66 -8.58 29.49
CA TRP B 35 3.75 -7.17 29.11
C TRP B 35 2.62 -6.72 28.21
N VAL B 36 2.08 -5.55 28.50
CA VAL B 36 0.97 -4.96 27.76
C VAL B 36 1.32 -3.53 27.30
N VAL B 37 0.98 -3.23 26.06
CA VAL B 37 1.19 -1.90 25.52
C VAL B 37 -0.13 -1.15 25.52
N SER B 38 -0.10 0.10 25.97
CA SER B 38 -1.29 0.93 26.04
C SER B 38 -0.94 2.38 25.72
N ALA B 39 -1.85 3.29 26.03
CA ALA B 39 -1.63 4.72 25.80
C ALA B 39 -1.32 5.41 27.13
N ALA B 40 -0.34 6.32 27.10
CA ALA B 40 0.06 7.05 28.30
C ALA B 40 -1.08 7.88 28.89
N HIS B 41 -1.87 8.52 28.02
CA HIS B 41 -2.89 9.47 28.49
C HIS B 41 -4.00 8.78 29.26
N CYS B 42 -4.08 7.46 29.15
CA CYS B 42 -5.07 6.70 29.90
C CYS B 42 -4.83 6.81 31.41
N PHE B 43 -3.61 7.19 31.80
CA PHE B 43 -3.21 7.16 33.19
C PHE B 43 -2.99 8.54 33.80
N ASP B 44 -3.41 9.59 33.08
CA ASP B 44 -3.25 10.97 33.54
C ASP B 44 -3.92 11.22 34.88
N LYS B 45 -5.05 10.56 35.12
CA LYS B 45 -5.91 10.89 36.25
C LYS B 45 -6.05 9.79 37.31
N ILE B 46 -5.24 8.73 37.23
CA ILE B 46 -5.32 7.66 38.22
C ILE B 46 -5.03 8.22 39.61
N LYS B 47 -5.89 7.89 40.56
CA LYS B 47 -5.68 8.27 41.95
C LYS B 47 -5.04 7.12 42.73
N ASN B 48 -5.65 5.93 42.65
CA ASN B 48 -5.14 4.74 43.34
C ASN B 48 -4.63 3.68 42.38
N TRP B 49 -3.31 3.61 42.24
CA TRP B 49 -2.66 2.72 41.29
C TRP B 49 -2.79 1.25 41.64
N ARG B 50 -3.22 0.96 42.87
CA ARG B 50 -3.36 -0.41 43.34
C ARG B 50 -4.62 -1.10 42.78
N ASN B 51 -5.59 -0.29 42.33
CA ASN B 51 -6.85 -0.83 41.82
C ASN B 51 -6.87 -0.86 40.30
N LEU B 52 -5.69 -0.95 39.70
CA LEU B 52 -5.55 -0.96 38.25
C LEU B 52 -5.50 -2.40 37.75
N ILE B 53 -6.44 -2.77 36.87
CA ILE B 53 -6.62 -4.16 36.48
C ILE B 53 -6.70 -4.33 34.96
N ALA B 54 -6.00 -5.34 34.48
CA ALA B 54 -6.02 -5.70 33.06
C ALA B 54 -6.78 -7.01 32.90
N VAL B 55 -7.70 -7.06 31.94
CA VAL B 55 -8.48 -8.26 31.67
C VAL B 55 -8.24 -8.76 30.25
N LEU B 56 -7.84 -10.02 30.15
CA LEU B 56 -7.65 -10.64 28.84
C LEU B 56 -8.72 -11.67 28.55
N GLY B 57 -8.91 -11.97 27.27
CA GLY B 57 -9.91 -12.94 26.86
C GLY B 57 -11.32 -12.41 27.06
N GLU B 58 -11.43 -11.09 27.16
CA GLU B 58 -12.73 -10.47 27.33
C GLU B 58 -13.42 -10.33 25.97
N HIS B 59 -14.75 -10.30 25.98
CA HIS B 59 -15.55 -10.03 24.78
C HIS B 59 -16.80 -9.21 25.07
N ASP B 60 -17.69 -9.77 25.91
CA ASP B 60 -18.94 -9.11 26.31
C ASP B 60 -18.83 -8.63 27.76
N LEU B 61 -18.84 -7.32 27.97
CA LEU B 61 -18.65 -6.78 29.32
C LEU B 61 -19.84 -7.05 30.23
N SER B 62 -21.00 -7.32 29.64
CA SER B 62 -22.21 -7.59 30.41
C SER B 62 -22.33 -9.05 30.84
N GLU B 63 -21.36 -9.86 30.45
CA GLU B 63 -21.38 -11.29 30.75
C GLU B 63 -20.02 -11.81 31.15
N HIS B 64 -19.99 -13.02 31.71
CA HIS B 64 -18.75 -13.64 32.14
C HIS B 64 -18.79 -15.12 31.74
N ASP B 65 -18.08 -15.46 30.66
CA ASP B 65 -18.19 -16.82 30.11
C ASP B 65 -17.10 -17.78 30.60
N GLY B 66 -16.10 -17.27 31.31
CA GLY B 66 -15.07 -18.10 31.88
C GLY B 66 -13.74 -18.05 31.14
N ASP B 67 -13.71 -17.39 29.99
CA ASP B 67 -12.48 -17.23 29.22
C ASP B 67 -11.70 -16.00 29.68
N GLU B 68 -12.32 -15.18 30.53
CA GLU B 68 -11.66 -13.98 31.03
C GLU B 68 -10.56 -14.33 32.03
N GLN B 69 -9.45 -13.62 31.92
CA GLN B 69 -8.35 -13.72 32.88
C GLN B 69 -7.96 -12.33 33.37
N SER B 70 -8.10 -12.09 34.67
CA SER B 70 -7.75 -10.81 35.27
C SER B 70 -6.38 -10.83 35.93
N ARG B 71 -5.64 -9.74 35.74
CA ARG B 71 -4.33 -9.55 36.36
C ARG B 71 -4.17 -8.12 36.87
N ARG B 72 -3.45 -7.98 37.96
CA ARG B 72 -3.19 -6.68 38.53
C ARG B 72 -2.00 -6.08 37.80
N VAL B 73 -2.08 -4.79 37.50
CA VAL B 73 -0.97 -4.09 36.85
C VAL B 73 0.04 -3.68 37.90
N ALA B 74 1.22 -4.28 37.83
CA ALA B 74 2.25 -4.04 38.83
C ALA B 74 3.04 -2.78 38.51
N GLN B 75 3.10 -2.41 37.23
CA GLN B 75 3.90 -1.28 36.82
C GLN B 75 3.41 -0.63 35.53
N VAL B 76 3.40 0.71 35.52
CA VAL B 76 3.08 1.48 34.34
C VAL B 76 4.29 2.33 33.97
N ILE B 77 4.88 2.04 32.81
CA ILE B 77 6.08 2.71 32.36
C ILE B 77 5.76 3.61 31.19
N ILE B 78 6.19 4.86 31.31
CA ILE B 78 5.81 5.92 30.40
C ILE B 78 7.05 6.71 29.99
N PRO B 79 7.14 7.09 28.71
CA PRO B 79 8.29 7.89 28.27
C PRO B 79 8.42 9.20 29.07
N SER B 80 9.62 9.50 29.51
CA SER B 80 9.87 10.74 30.24
C SER B 80 9.56 11.95 29.38
N THR B 81 9.55 11.75 28.07
CA THR B 81 9.27 12.82 27.13
C THR B 81 7.76 13.12 27.04
N TYR B 82 6.94 12.19 27.53
CA TYR B 82 5.49 12.39 27.53
C TYR B 82 5.07 13.43 28.57
N VAL B 83 4.15 14.32 28.18
CA VAL B 83 3.64 15.36 29.07
C VAL B 83 2.11 15.28 29.18
N PRO B 84 1.58 14.98 30.38
CA PRO B 84 0.13 14.87 30.58
C PRO B 84 -0.65 16.08 30.06
N GLY B 85 -1.68 15.81 29.26
CA GLY B 85 -2.48 16.86 28.66
C GLY B 85 -2.05 17.22 27.25
N THR B 86 -1.05 16.51 26.73
CA THR B 86 -0.59 16.70 25.34
C THR B 86 -0.60 15.37 24.59
N THR B 87 -0.30 15.41 23.30
CA THR B 87 -0.46 14.27 22.41
C THR B 87 0.81 13.43 22.20
N ASN B 88 1.97 14.09 22.18
CA ASN B 88 3.22 13.42 21.80
C ASN B 88 3.63 12.32 22.79
N HIS B 89 4.21 11.25 22.24
CA HIS B 89 4.70 10.11 23.03
C HIS B 89 3.58 9.47 23.85
N ASP B 90 2.44 9.24 23.21
CA ASP B 90 1.29 8.67 23.89
C ASP B 90 1.35 7.15 23.93
N ILE B 91 2.23 6.62 24.77
CA ILE B 91 2.46 5.19 24.85
C ILE B 91 2.88 4.78 26.25
N ALA B 92 2.44 3.59 26.67
CA ALA B 92 2.77 3.08 28.00
C ALA B 92 3.04 1.59 27.93
N LEU B 93 3.97 1.14 28.75
CA LEU B 93 4.30 -0.27 28.87
C LEU B 93 3.92 -0.79 30.26
N LEU B 94 2.98 -1.73 30.29
CA LEU B 94 2.45 -2.27 31.56
C LEU B 94 3.00 -3.65 31.88
N ARG B 95 3.50 -3.80 33.10
CA ARG B 95 3.92 -5.10 33.60
C ARG B 95 2.79 -5.69 34.44
N LEU B 96 2.28 -6.85 34.03
CA LEU B 96 1.31 -7.57 34.85
C LEU B 96 2.04 -8.19 36.05
N HIS B 97 1.36 -8.22 37.19
CA HIS B 97 1.95 -8.74 38.42
C HIS B 97 2.28 -10.23 38.27
N GLN B 98 1.40 -10.93 37.56
CA GLN B 98 1.63 -12.33 37.22
CA GLN B 98 1.63 -12.33 37.22
C GLN B 98 1.28 -12.54 35.76
N PRO B 99 1.98 -13.46 35.09
CA PRO B 99 1.67 -13.64 33.68
C PRO B 99 0.28 -14.23 33.47
N VAL B 100 -0.32 -13.94 32.32
CA VAL B 100 -1.55 -14.60 31.92
C VAL B 100 -1.19 -15.94 31.29
N VAL B 101 -2.19 -16.81 31.19
CA VAL B 101 -2.02 -18.10 30.53
C VAL B 101 -2.50 -17.99 29.09
N LEU B 102 -1.65 -18.39 28.15
CA LEU B 102 -2.03 -18.32 26.75
C LEU B 102 -3.00 -19.44 26.42
N THR B 103 -4.08 -19.07 25.74
CA THR B 103 -5.15 -19.99 25.37
C THR B 103 -5.64 -19.64 23.96
N ASP B 104 -6.68 -20.32 23.50
CA ASP B 104 -7.30 -20.00 22.23
C ASP B 104 -7.88 -18.58 22.23
N HIS B 105 -8.15 -18.06 23.42
CA HIS B 105 -8.83 -16.76 23.56
C HIS B 105 -7.89 -15.69 24.08
N VAL B 106 -6.66 -16.08 24.38
CA VAL B 106 -5.66 -15.14 24.87
C VAL B 106 -4.33 -15.42 24.18
N VAL B 107 -3.92 -14.51 23.30
CA VAL B 107 -2.70 -14.67 22.51
C VAL B 107 -2.02 -13.30 22.30
N PRO B 108 -0.68 -13.27 22.39
CA PRO B 108 -0.02 -11.98 22.18
C PRO B 108 0.09 -11.57 20.70
N LEU B 109 0.01 -10.27 20.45
CA LEU B 109 0.32 -9.70 19.15
C LEU B 109 1.83 -9.52 19.06
N CYS B 110 2.43 -9.73 17.89
CA CYS B 110 3.88 -9.61 17.76
C CYS B 110 4.31 -8.16 17.76
N LEU B 111 5.36 -7.87 18.53
CA LEU B 111 6.05 -6.58 18.44
C LEU B 111 7.13 -6.70 17.38
N PRO B 112 7.00 -5.97 16.27
CA PRO B 112 7.96 -6.20 15.19
C PRO B 112 9.30 -5.49 15.39
N GLU B 113 10.31 -5.89 14.64
CA GLU B 113 11.55 -5.12 14.56
C GLU B 113 11.26 -3.77 13.94
N ARG B 114 12.07 -2.78 14.25
CA ARG B 114 11.88 -1.44 13.75
CA ARG B 114 11.88 -1.44 13.75
C ARG B 114 11.99 -1.38 12.22
N THR B 115 13.08 -1.93 11.69
CA THR B 115 13.33 -1.89 10.24
C THR B 115 12.19 -2.53 9.46
N PHE B 116 11.73 -3.68 9.94
CA PHE B 116 10.65 -4.41 9.31
C PHE B 116 9.36 -3.59 9.32
N SER B 117 9.13 -2.87 10.41
CA SER B 117 7.88 -2.11 10.56
C SER B 117 7.92 -0.86 9.68
N GLU B 118 9.09 -0.23 9.64
CA GLU B 118 9.29 0.96 8.82
C GLU B 118 9.32 0.64 7.31
N ARG B 119 9.92 -0.48 6.94
CA ARG B 119 10.17 -0.81 5.53
C ARG B 119 9.02 -1.57 4.86
N THR B 120 8.30 -2.38 5.64
CA THR B 120 7.34 -3.33 5.10
C THR B 120 5.92 -3.12 5.63
N LEU B 121 5.76 -3.19 6.95
CA LEU B 121 4.43 -3.07 7.55
C LEU B 121 3.82 -1.70 7.30
N ALA B 122 4.67 -0.68 7.21
CA ALA B 122 4.21 0.69 7.09
C ALA B 122 3.45 0.92 5.78
N PHE B 123 3.61 0.00 4.84
CA PHE B 123 3.05 0.15 3.50
C PHE B 123 1.95 -0.87 3.19
N VAL B 124 1.66 -1.74 4.15
CA VAL B 124 0.41 -2.49 4.13
C VAL B 124 -0.70 -1.48 4.34
N ARG B 125 -1.63 -1.41 3.39
CA ARG B 125 -2.62 -0.35 3.37
C ARG B 125 -3.52 -0.36 4.61
N PHE B 126 -4.17 -1.49 4.85
CA PHE B 126 -5.19 -1.59 5.91
C PHE B 126 -4.70 -2.31 7.15
N SER B 127 -5.25 -1.91 8.29
CA SER B 127 -4.95 -2.52 9.57
C SER B 127 -6.20 -2.49 10.43
N LEU B 128 -6.25 -3.39 11.40
CA LEU B 128 -7.41 -3.48 12.28
C LEU B 128 -7.19 -2.71 13.57
N VAL B 129 -8.21 -1.95 13.97
CA VAL B 129 -8.25 -1.28 15.25
C VAL B 129 -9.49 -1.77 16.00
N SER B 130 -9.38 -1.91 17.32
CA SER B 130 -10.45 -2.50 18.11
C SER B 130 -10.56 -1.92 19.51
N GLY B 131 -11.72 -2.12 20.12
CA GLY B 131 -11.95 -1.65 21.47
C GLY B 131 -13.42 -1.61 21.82
N TRP B 132 -13.69 -1.29 23.08
CA TRP B 132 -15.03 -1.22 23.62
C TRP B 132 -15.47 0.23 23.79
N GLY B 133 -14.86 1.12 23.01
CA GLY B 133 -15.13 2.55 23.12
C GLY B 133 -16.48 2.95 22.53
N GLN B 134 -16.68 4.27 22.45
CA GLN B 134 -17.91 4.87 21.94
C GLN B 134 -18.24 4.50 20.50
N LEU B 135 -19.50 4.15 20.27
CA LEU B 135 -20.00 3.76 18.96
C LEU B 135 -20.25 4.96 18.07
N LEU B 136 -20.37 6.13 18.70
CA LEU B 136 -20.57 7.40 17.99
C LEU B 136 -19.84 8.47 18.77
N ASP B 137 -19.62 9.62 18.13
CA ASP B 137 -18.99 10.72 18.83
C ASP B 137 -19.93 11.20 19.94
N ARG B 138 -19.44 11.18 21.18
CA ARG B 138 -20.23 11.55 22.35
C ARG B 138 -21.42 10.62 22.56
N GLY B 139 -21.26 9.37 22.11
CA GLY B 139 -22.26 8.34 22.31
C GLY B 139 -21.86 7.40 23.44
N ALA B 140 -22.55 6.26 23.52
CA ALA B 140 -22.30 5.28 24.56
C ALA B 140 -21.22 4.29 24.14
N THR B 141 -20.55 3.70 25.12
CA THR B 141 -19.53 2.69 24.86
C THR B 141 -20.18 1.37 24.46
N ALA B 142 -19.39 0.47 23.88
CA ALA B 142 -19.89 -0.83 23.43
C ALA B 142 -19.76 -1.91 24.49
N LEU B 143 -20.71 -2.84 24.50
CA LEU B 143 -20.67 -3.97 25.41
C LEU B 143 -19.89 -5.13 24.80
N GLU B 144 -19.98 -5.27 23.49
CA GLU B 144 -19.22 -6.28 22.76
C GLU B 144 -18.02 -5.64 22.08
N LEU B 145 -16.89 -6.33 22.08
CA LEU B 145 -15.67 -5.82 21.45
C LEU B 145 -15.89 -5.50 19.97
N MET B 146 -15.54 -4.29 19.58
CA MET B 146 -15.76 -3.82 18.21
C MET B 146 -14.42 -3.75 17.47
N VAL B 147 -14.46 -3.94 16.15
CA VAL B 147 -13.25 -3.92 15.33
C VAL B 147 -13.54 -3.19 14.02
N LEU B 148 -12.48 -2.66 13.40
CA LEU B 148 -12.61 -1.77 12.26
C LEU B 148 -11.34 -1.81 11.42
N ASN B 149 -11.51 -1.97 10.11
CA ASN B 149 -10.42 -1.91 9.14
C ASN B 149 -10.23 -0.46 8.66
N VAL B 150 -9.02 0.08 8.84
CA VAL B 150 -8.74 1.45 8.44
C VAL B 150 -7.46 1.56 7.59
N PRO B 151 -7.45 2.45 6.59
CA PRO B 151 -6.26 2.67 5.76
C PRO B 151 -5.27 3.66 6.36
N ARG B 152 -3.97 3.42 6.15
CA ARG B 152 -2.91 4.26 6.72
C ARG B 152 -2.50 5.41 5.79
N LEU B 153 -2.13 6.53 6.39
CA LEU B 153 -1.66 7.70 5.64
C LEU B 153 -0.24 8.07 6.04
N MET B 154 0.58 8.43 5.05
CA MET B 154 1.81 9.15 5.35
C MET B 154 1.42 10.58 5.69
N THR B 155 2.28 11.26 6.43
CA THR B 155 1.88 12.44 7.17
C THR B 155 1.66 13.69 6.32
N GLN B 156 2.33 13.80 5.17
CA GLN B 156 2.05 14.93 4.27
C GLN B 156 0.59 14.90 3.84
N ASP B 157 0.03 13.70 3.74
CA ASP B 157 -1.34 13.53 3.30
C ASP B 157 -2.34 13.76 4.45
N CYS B 158 -1.83 13.73 5.68
CA CYS B 158 -2.63 14.01 6.87
C CYS B 158 -2.48 15.46 7.30
N GLU B 159 -1.39 16.09 6.86
CA GLU B 159 -0.98 17.42 7.29
C GLU B 159 -2.12 18.44 7.27
N ALA B 160 -2.98 18.33 6.27
CA ALA B 160 -4.05 19.32 6.10
C ALA B 160 -5.10 19.18 7.20
N SER B 161 -5.35 17.95 7.64
CA SER B 161 -6.36 17.70 8.67
CA SER B 161 -6.36 17.70 8.67
C SER B 161 -5.89 18.21 10.04
N TYR B 162 -4.59 18.08 10.29
CA TYR B 162 -3.99 18.49 11.57
C TYR B 162 -2.70 19.27 11.35
N PRO B 163 -2.81 20.50 10.82
CA PRO B 163 -1.63 21.32 10.53
C PRO B 163 -0.68 21.46 11.72
N GLY B 164 0.57 21.04 11.53
CA GLY B 164 1.58 21.15 12.57
C GLY B 164 1.25 20.45 13.87
N LYS B 165 0.55 19.32 13.78
CA LYS B 165 0.11 18.61 14.98
C LYS B 165 0.48 17.11 14.94
N ILE B 166 0.98 16.65 13.81
CA ILE B 166 1.38 15.25 13.65
C ILE B 166 2.91 15.14 13.70
N THR B 167 3.42 14.66 14.83
CA THR B 167 4.86 14.50 15.00
C THR B 167 5.33 13.23 14.33
N GLU B 168 6.64 13.03 14.32
CA GLU B 168 7.22 11.80 13.78
C GLU B 168 6.87 10.60 14.68
N TYR B 169 6.25 10.86 15.82
CA TYR B 169 5.90 9.81 16.77
C TYR B 169 4.43 9.42 16.64
N MET B 170 3.81 9.87 15.55
CA MET B 170 2.40 9.62 15.27
C MET B 170 2.20 9.22 13.81
N PHE B 171 1.02 8.69 13.51
CA PHE B 171 0.57 8.58 12.13
C PHE B 171 -0.95 8.56 12.10
N CYS B 172 -1.51 8.95 10.95
CA CYS B 172 -2.95 8.99 10.79
C CYS B 172 -3.44 7.73 10.09
N ALA B 173 -4.67 7.38 10.38
CA ALA B 173 -5.35 6.28 9.71
C ALA B 173 -6.84 6.53 9.77
N GLY B 174 -7.56 6.13 8.73
CA GLY B 174 -9.00 6.27 8.72
C GLY B 174 -9.57 6.88 7.46
N TYR B 175 -10.66 7.62 7.64
CA TYR B 175 -11.44 8.13 6.53
C TYR B 175 -11.83 9.59 6.76
N SER B 176 -11.66 10.40 5.73
CA SER B 176 -11.99 11.81 5.81
C SER B 176 -13.48 12.05 5.47
N ASP B 177 -14.20 10.99 5.12
CA ASP B 177 -15.62 11.12 4.79
C ASP B 177 -16.51 11.03 6.05
N GLY B 178 -15.88 10.74 7.19
CA GLY B 178 -16.54 10.82 8.48
C GLY B 178 -17.51 9.68 8.76
N SER B 179 -17.07 8.46 8.43
CA SER B 179 -17.94 7.29 8.51
C SER B 179 -17.39 6.23 9.46
N LYS B 180 -16.08 6.13 9.55
CA LYS B 180 -15.41 5.08 10.31
C LYS B 180 -14.19 5.63 11.03
N ASP B 181 -14.05 5.30 12.31
CA ASP B 181 -12.93 5.80 13.12
C ASP B 181 -12.94 5.12 14.49
N SER B 182 -11.79 5.12 15.17
CA SER B 182 -11.74 4.76 16.57
C SER B 182 -12.25 5.98 17.35
N CYS B 183 -12.46 5.83 18.66
CA CYS B 183 -13.11 6.89 19.41
C CYS B 183 -12.73 6.80 20.89
N LYS B 184 -13.29 7.71 21.68
CA LYS B 184 -13.01 7.78 23.11
C LYS B 184 -13.29 6.43 23.75
N GLY B 185 -12.39 5.97 24.60
CA GLY B 185 -12.50 4.66 25.22
C GLY B 185 -11.77 3.53 24.50
N ASP B 186 -11.37 3.77 23.25
CA ASP B 186 -10.57 2.80 22.48
C ASP B 186 -9.05 2.99 22.68
N SER B 187 -8.66 4.05 23.39
CA SER B 187 -7.24 4.34 23.60
C SER B 187 -6.45 3.19 24.19
N GLY B 188 -5.23 3.01 23.69
CA GLY B 188 -4.39 1.90 24.11
C GLY B 188 -4.63 0.67 23.27
N GLY B 189 -5.73 0.63 22.54
CA GLY B 189 -6.07 -0.53 21.74
C GLY B 189 -5.11 -0.71 20.58
N PRO B 190 -5.01 -1.95 20.07
CA PRO B 190 -4.08 -2.18 18.96
C PRO B 190 -4.54 -1.58 17.64
N HIS B 191 -3.56 -1.11 16.88
CA HIS B 191 -3.69 -0.91 15.44
C HIS B 191 -2.80 -2.03 14.89
N ALA B 192 -3.43 -3.06 14.32
CA ALA B 192 -2.73 -4.32 14.04
C ALA B 192 -2.66 -4.62 12.54
N THR B 193 -1.44 -4.88 12.08
CA THR B 193 -1.15 -5.03 10.65
C THR B 193 -0.77 -6.45 10.29
N HIS B 194 -1.48 -7.01 9.33
CA HIS B 194 -1.24 -8.37 8.86
C HIS B 194 -0.19 -8.39 7.77
N TYR B 195 0.74 -9.34 7.85
CA TYR B 195 1.73 -9.55 6.80
C TYR B 195 2.16 -11.03 6.75
N ARG B 196 1.89 -11.65 5.61
CA ARG B 196 2.27 -13.04 5.35
C ARG B 196 1.87 -13.98 6.49
N GLY B 197 0.61 -13.90 6.89
CA GLY B 197 0.04 -14.86 7.81
C GLY B 197 0.27 -14.58 9.28
N THR B 198 0.85 -13.42 9.59
CA THR B 198 1.15 -13.05 10.97
C THR B 198 0.78 -11.58 11.22
N TRP B 199 0.20 -11.33 12.38
CA TRP B 199 -0.23 -9.98 12.79
C TRP B 199 0.79 -9.27 13.69
N TYR B 200 0.99 -7.98 13.45
CA TYR B 200 1.99 -7.19 14.18
C TYR B 200 1.41 -5.90 14.76
N LEU B 201 2.01 -5.39 15.83
CA LEU B 201 1.60 -4.12 16.43
C LEU B 201 2.30 -2.93 15.78
N THR B 202 1.52 -2.06 15.14
CA THR B 202 2.07 -0.92 14.43
C THR B 202 1.60 0.41 15.04
N GLY B 203 0.45 0.39 15.69
CA GLY B 203 -0.11 1.59 16.28
C GLY B 203 -0.91 1.42 17.56
N ILE B 204 -1.11 2.54 18.24
CA ILE B 204 -1.94 2.63 19.45
C ILE B 204 -2.98 3.73 19.32
N VAL B 205 -4.24 3.39 19.54
CA VAL B 205 -5.31 4.40 19.51
C VAL B 205 -4.91 5.54 20.46
N SER B 206 -4.80 6.75 19.93
CA SER B 206 -4.26 7.88 20.71
C SER B 206 -5.23 9.05 20.79
N TRP B 207 -5.50 9.71 19.66
CA TRP B 207 -6.36 10.88 19.70
C TRP B 207 -6.96 11.26 18.35
N GLY B 208 -7.82 12.26 18.39
CA GLY B 208 -8.45 12.80 17.19
C GLY B 208 -9.32 13.99 17.50
N GLN B 209 -9.70 14.69 16.43
CA GLN B 209 -10.72 15.72 16.49
C GLN B 209 -12.08 15.06 16.32
N GLY B 210 -12.82 14.98 17.41
CA GLY B 210 -14.08 14.25 17.41
C GLY B 210 -13.86 12.79 17.05
N CYS B 211 -14.92 12.15 16.57
CA CYS B 211 -14.84 10.77 16.11
C CYS B 211 -15.54 10.64 14.76
N ALA B 212 -14.81 10.12 13.78
CA ALA B 212 -15.32 10.01 12.43
C ALA B 212 -15.87 11.34 11.93
N THR B 213 -15.13 12.43 12.17
CA THR B 213 -15.58 13.74 11.72
C THR B 213 -15.03 14.05 10.34
N VAL B 214 -15.89 14.61 9.50
CA VAL B 214 -15.55 14.88 8.11
C VAL B 214 -14.29 15.72 8.02
N GLY B 215 -13.34 15.27 7.18
CA GLY B 215 -12.13 16.02 6.92
C GLY B 215 -10.98 15.70 7.86
N HIS B 216 -11.16 14.68 8.69
CA HIS B 216 -10.14 14.33 9.68
C HIS B 216 -9.99 12.81 9.81
N PHE B 217 -8.89 12.42 10.44
CA PHE B 217 -8.54 11.02 10.61
C PHE B 217 -8.25 10.70 12.06
N GLY B 218 -8.25 9.43 12.40
CA GLY B 218 -7.75 9.00 13.69
C GLY B 218 -6.25 9.16 13.72
N VAL B 219 -5.71 9.53 14.88
CA VAL B 219 -4.28 9.63 15.05
C VAL B 219 -3.80 8.50 15.95
N TYR B 220 -2.75 7.82 15.52
CA TYR B 220 -2.24 6.67 16.23
C TYR B 220 -0.77 6.87 16.59
N THR B 221 -0.37 6.28 17.72
CA THR B 221 1.02 6.32 18.15
C THR B 221 1.86 5.38 17.28
N ARG B 222 2.95 5.90 16.71
CA ARG B 222 3.79 5.13 15.81
C ARG B 222 4.73 4.23 16.60
N VAL B 223 4.33 2.96 16.76
CA VAL B 223 5.02 2.04 17.65
C VAL B 223 6.45 1.77 17.22
N SER B 224 6.72 1.88 15.92
CA SER B 224 8.06 1.59 15.41
C SER B 224 9.14 2.47 16.07
N GLN B 225 8.76 3.66 16.52
CA GLN B 225 9.70 4.56 17.17
C GLN B 225 10.08 4.12 18.59
N TYR B 226 9.35 3.14 19.13
CA TYR B 226 9.53 2.74 20.52
C TYR B 226 9.99 1.30 20.71
N ILE B 227 10.25 0.61 19.61
CA ILE B 227 10.67 -0.79 19.66
C ILE B 227 11.86 -0.94 20.61
N GLU B 228 12.93 -0.20 20.35
CA GLU B 228 14.14 -0.30 21.17
C GLU B 228 13.84 0.03 22.63
N TRP B 229 13.10 1.11 22.84
CA TRP B 229 12.72 1.55 24.19
C TRP B 229 11.92 0.47 24.92
N LEU B 230 10.96 -0.13 24.23
CA LEU B 230 10.14 -1.18 24.83
C LEU B 230 10.98 -2.40 25.21
N GLN B 231 11.88 -2.81 24.32
CA GLN B 231 12.66 -4.03 24.54
C GLN B 231 13.69 -3.89 25.65
N LYS B 232 14.22 -2.69 25.80
CA LYS B 232 15.19 -2.41 26.86
C LYS B 232 14.50 -2.52 28.21
N LEU B 233 13.28 -2.00 28.29
CA LEU B 233 12.52 -1.98 29.54
C LEU B 233 12.02 -3.36 29.92
N MET B 234 11.73 -4.19 28.92
CA MET B 234 11.31 -5.56 29.18
C MET B 234 12.45 -6.40 29.74
N ARG B 235 13.66 -5.84 29.76
CA ARG B 235 14.82 -6.50 30.36
C ARG B 235 15.18 -5.90 31.72
N SER B 236 14.71 -4.68 31.99
CA SER B 236 15.05 -4.00 33.23
C SER B 236 14.35 -4.66 34.41
N GLU B 237 15.02 -4.65 35.56
CA GLU B 237 14.46 -5.25 36.76
C GLU B 237 13.36 -4.34 37.32
N PRO B 238 12.30 -4.95 37.89
CA PRO B 238 11.17 -4.18 38.43
C PRO B 238 11.57 -3.23 39.55
N ARG B 239 10.89 -2.09 39.62
CA ARG B 239 11.18 -1.06 40.62
C ARG B 239 9.95 -0.78 41.49
N PRO B 240 10.18 -0.28 42.72
CA PRO B 240 9.05 0.06 43.59
C PRO B 240 8.23 1.21 43.02
N GLY B 241 6.96 1.27 43.37
CA GLY B 241 6.06 2.27 42.84
C GLY B 241 5.48 1.82 41.51
N VAL B 242 4.19 2.08 41.32
CA VAL B 242 3.51 1.60 40.12
C VAL B 242 3.93 2.42 38.90
N LEU B 243 3.82 3.75 38.98
CA LEU B 243 4.20 4.60 37.86
C LEU B 243 5.71 4.77 37.79
N LEU B 244 6.21 4.93 36.57
CA LEU B 244 7.64 5.05 36.33
C LEU B 244 7.85 5.82 35.02
N ARG B 245 8.60 6.92 35.10
CA ARG B 245 8.93 7.70 33.92
C ARG B 245 10.34 7.32 33.45
N ALA B 246 10.40 6.48 32.43
CA ALA B 246 11.67 5.98 31.91
C ALA B 246 12.16 6.91 30.79
N PRO B 247 13.46 7.23 30.82
CA PRO B 247 14.00 8.13 29.78
C PRO B 247 13.77 7.60 28.37
N PHE B 248 13.37 8.50 27.47
CA PHE B 248 13.31 8.20 26.05
C PHE B 248 14.13 9.25 25.32
N PRO B 249 15.01 8.85 24.40
CA PRO B 249 15.29 7.48 23.92
C PRO B 249 15.93 6.58 24.96
N THR C 1 16.68 20.41 5.18
CA THR C 1 16.81 20.56 3.73
C THR C 1 17.88 19.65 3.15
N ASN C 2 17.88 18.39 3.60
CA ASN C 2 18.79 17.36 3.09
C ASN C 2 18.36 16.86 1.71
N THR C 3 17.09 17.06 1.38
CA THR C 3 16.53 16.61 0.12
C THR C 3 15.53 17.63 -0.41
N VAL C 4 15.16 17.48 -1.68
CA VAL C 4 14.10 18.29 -2.28
C VAL C 4 13.08 17.36 -2.92
N ALA C 5 11.81 17.74 -2.79
CA ALA C 5 10.72 16.94 -3.32
C ALA C 5 10.69 16.97 -4.84
N ALA C 6 10.38 15.83 -5.45
CA ALA C 6 10.19 15.74 -6.88
C ALA C 6 8.96 16.54 -7.29
N TYR C 7 8.87 16.88 -8.57
CA TYR C 7 7.72 17.63 -9.07
C TYR C 7 7.47 17.41 -10.57
N ASN C 8 6.36 17.94 -11.06
CA ASN C 8 5.91 17.71 -12.43
C ASN C 8 5.82 16.24 -12.78
N LEU C 9 5.29 15.44 -11.85
CA LEU C 9 5.09 14.02 -12.11
C LEU C 9 4.13 13.86 -13.28
N THR C 10 4.51 13.03 -14.24
CA THR C 10 3.76 12.87 -15.48
C THR C 10 3.71 11.42 -15.94
N TRP C 11 2.52 10.96 -16.32
CA TRP C 11 2.35 9.61 -16.84
C TRP C 11 2.55 9.59 -18.35
N LYS C 12 3.54 8.81 -18.80
CA LYS C 12 3.77 8.57 -20.22
C LYS C 12 3.38 7.14 -20.54
N SER C 13 2.30 6.98 -21.30
CA SER C 13 1.68 5.67 -21.49
C SER C 13 1.17 5.47 -22.92
N THR C 14 1.59 4.37 -23.52
CA THR C 14 1.21 4.01 -24.88
C THR C 14 1.13 2.50 -25.03
N ASN C 15 -0.02 2.02 -25.49
CA ASN C 15 -0.32 0.59 -25.52
C ASN C 15 0.04 -0.09 -24.20
N PHE C 16 -0.20 0.64 -23.11
CA PHE C 16 -0.05 0.19 -21.71
C PHE C 16 1.41 0.13 -21.25
N LYS C 17 2.35 0.39 -22.14
CA LYS C 17 3.72 0.65 -21.71
C LYS C 17 3.70 1.97 -20.96
N THR C 18 3.84 1.91 -19.63
CA THR C 18 3.58 3.04 -18.75
C THR C 18 4.80 3.48 -17.96
N ILE C 19 5.27 4.68 -18.24
CA ILE C 19 6.44 5.25 -17.58
C ILE C 19 6.07 6.48 -16.77
N LEU C 20 6.52 6.53 -15.52
CA LEU C 20 6.36 7.73 -14.69
C LEU C 20 7.60 8.60 -14.86
N GLU C 21 7.38 9.88 -15.12
CA GLU C 21 8.48 10.84 -15.31
C GLU C 21 8.37 12.00 -14.34
N TRP C 22 9.50 12.51 -13.88
CA TRP C 22 9.51 13.64 -12.97
C TRP C 22 10.78 14.47 -13.07
N GLU C 23 10.79 15.59 -12.33
CA GLU C 23 11.94 16.46 -12.18
C GLU C 23 12.22 16.57 -10.69
N PRO C 24 13.40 17.07 -10.30
CA PRO C 24 14.55 17.48 -11.12
C PRO C 24 15.61 16.40 -11.22
N LYS C 25 16.61 16.60 -12.07
CA LYS C 25 17.76 15.72 -12.07
C LYS C 25 18.30 15.69 -10.65
N PRO C 26 18.65 14.49 -10.15
CA PRO C 26 19.03 14.39 -8.74
C PRO C 26 20.31 15.15 -8.41
N VAL C 27 20.23 15.98 -7.38
CA VAL C 27 21.42 16.63 -6.83
C VAL C 27 21.60 16.09 -5.41
N ASN C 28 22.63 15.28 -5.23
CA ASN C 28 22.96 14.76 -3.91
C ASN C 28 21.84 13.92 -3.28
N GLN C 29 20.90 13.46 -4.09
CA GLN C 29 19.80 12.64 -3.59
C GLN C 29 19.42 11.56 -4.61
N VAL C 30 18.69 10.55 -4.15
CA VAL C 30 18.24 9.46 -5.02
C VAL C 30 16.75 9.24 -4.80
N TYR C 31 16.10 8.65 -5.79
CA TYR C 31 14.66 8.49 -5.79
C TYR C 31 14.22 7.04 -5.61
N THR C 32 13.05 6.86 -5.02
CA THR C 32 12.37 5.57 -4.99
C THR C 32 10.89 5.79 -5.29
N VAL C 33 10.33 4.97 -6.15
CA VAL C 33 8.94 5.13 -6.57
C VAL C 33 8.05 4.07 -5.91
N GLN C 34 6.83 4.47 -5.57
CA GLN C 34 5.81 3.54 -5.08
C GLN C 34 4.55 3.68 -5.92
N ILE C 35 3.82 2.58 -6.07
CA ILE C 35 2.55 2.62 -6.78
C ILE C 35 1.53 1.76 -6.06
N SER C 36 0.27 2.16 -6.15
CA SER C 36 -0.82 1.41 -5.55
C SER C 36 -2.14 1.68 -6.23
N THR C 37 -3.09 0.77 -6.04
CA THR C 37 -4.49 1.03 -6.37
C THR C 37 -5.17 1.65 -5.16
N LYS C 38 -6.34 2.23 -5.37
CA LYS C 38 -7.01 3.05 -4.36
C LYS C 38 -7.06 2.41 -2.97
N SER C 39 -6.98 1.07 -2.92
CA SER C 39 -7.12 0.35 -1.66
C SER C 39 -6.10 -0.78 -1.50
N GLY C 40 -5.10 -0.81 -2.39
CA GLY C 40 -4.07 -1.84 -2.33
C GLY C 40 -2.82 -1.40 -1.59
N ASP C 41 -2.00 -2.36 -1.19
CA ASP C 41 -0.71 -2.07 -0.56
C ASP C 41 0.19 -1.32 -1.53
N TRP C 42 1.17 -0.61 -1.00
CA TRP C 42 2.13 0.11 -1.83
C TRP C 42 3.24 -0.82 -2.30
N LYS C 43 3.50 -0.77 -3.60
CA LYS C 43 4.54 -1.59 -4.22
C LYS C 43 5.66 -0.65 -4.67
N SER C 44 6.88 -0.96 -4.26
CA SER C 44 8.04 -0.13 -4.58
C SER C 44 8.73 -0.57 -5.87
N LYS C 45 9.24 0.42 -6.60
CA LYS C 45 9.95 0.19 -7.86
C LYS C 45 11.10 1.18 -7.98
N CYS C 46 12.10 0.82 -8.78
CA CYS C 46 13.17 1.74 -9.12
C CYS C 46 13.88 2.23 -7.85
N PHE C 47 14.41 1.28 -7.08
CA PHE C 47 14.97 1.57 -5.76
C PHE C 47 16.26 2.40 -5.83
N TYR C 48 16.23 3.56 -5.18
CA TYR C 48 17.43 4.38 -5.01
C TYR C 48 18.07 4.69 -6.35
N THR C 49 17.26 5.12 -7.32
CA THR C 49 17.75 5.41 -8.65
C THR C 49 18.10 6.87 -8.81
N THR C 50 18.98 7.16 -9.76
CA THR C 50 19.28 8.53 -10.12
C THR C 50 18.54 8.93 -11.40
N ASP C 51 17.72 8.01 -11.92
CA ASP C 51 16.84 8.32 -13.04
C ASP C 51 15.72 9.26 -12.61
N THR C 52 15.22 10.06 -13.56
CA THR C 52 14.02 10.85 -13.35
C THR C 52 12.85 10.18 -14.06
N GLU C 53 12.89 8.86 -14.15
CA GLU C 53 11.78 8.10 -14.69
C GLU C 53 11.70 6.71 -14.05
N CYS C 54 10.56 6.06 -14.20
CA CYS C 54 10.38 4.70 -13.68
C CYS C 54 9.32 3.95 -14.48
N ASP C 55 9.70 2.80 -15.03
CA ASP C 55 8.77 1.96 -15.76
C ASP C 55 7.89 1.22 -14.78
N LEU C 56 6.58 1.43 -14.89
CA LEU C 56 5.61 0.85 -13.97
C LEU C 56 4.65 -0.08 -14.72
N THR C 57 5.06 -0.47 -15.93
CA THR C 57 4.22 -1.27 -16.81
C THR C 57 3.75 -2.56 -16.14
N ASP C 58 4.67 -3.28 -15.51
CA ASP C 58 4.37 -4.59 -14.96
C ASP C 58 3.39 -4.51 -13.81
N GLU C 59 3.26 -3.34 -13.20
CA GLU C 59 2.31 -3.15 -12.11
C GLU C 59 0.92 -2.85 -12.64
N ILE C 60 0.81 -1.95 -13.63
CA ILE C 60 -0.50 -1.50 -14.07
C ILE C 60 -1.19 -2.55 -14.96
N VAL C 61 -0.41 -3.37 -15.67
CA VAL C 61 -1.03 -4.36 -16.56
C VAL C 61 -1.69 -5.51 -15.78
N LYS C 62 -1.46 -5.55 -14.47
CA LYS C 62 -2.09 -6.58 -13.62
C LYS C 62 -3.60 -6.36 -13.57
N ASP C 63 -4.01 -5.09 -13.61
CA ASP C 63 -5.42 -4.72 -13.73
C ASP C 63 -5.53 -3.34 -14.36
N VAL C 64 -5.77 -3.30 -15.66
CA VAL C 64 -5.73 -2.04 -16.38
C VAL C 64 -6.96 -1.18 -16.14
N LYS C 65 -7.99 -1.76 -15.51
CA LYS C 65 -9.21 -1.02 -15.23
C LYS C 65 -9.16 -0.34 -13.85
N GLN C 66 -8.18 -0.72 -13.04
CA GLN C 66 -7.97 -0.07 -11.76
C GLN C 66 -7.43 1.34 -11.93
N THR C 67 -7.68 2.19 -10.95
CA THR C 67 -7.14 3.54 -10.91
C THR C 67 -5.90 3.56 -10.00
N TYR C 68 -4.75 3.91 -10.58
CA TYR C 68 -3.48 3.85 -9.85
C TYR C 68 -2.99 5.21 -9.37
N LEU C 69 -2.30 5.19 -8.23
CA LEU C 69 -1.61 6.37 -7.72
C LEU C 69 -0.16 6.01 -7.42
N ALA C 70 0.75 6.84 -7.89
CA ALA C 70 2.17 6.65 -7.60
C ALA C 70 2.72 7.83 -6.82
N ARG C 71 3.88 7.62 -6.21
CA ARG C 71 4.56 8.66 -5.48
C ARG C 71 6.06 8.41 -5.50
N VAL C 72 6.81 9.49 -5.63
CA VAL C 72 8.26 9.45 -5.72
C VAL C 72 8.84 9.94 -4.40
N PHE C 73 9.66 9.12 -3.75
CA PHE C 73 10.37 9.52 -2.54
C PHE C 73 11.73 10.10 -2.88
N SER C 74 12.15 11.11 -2.13
CA SER C 74 13.51 11.64 -2.22
C SER C 74 14.31 11.20 -0.99
N TYR C 75 15.41 10.49 -1.24
CA TYR C 75 16.33 10.08 -0.18
C TYR C 75 17.65 10.83 -0.32
N PRO C 76 18.25 11.25 0.81
CA PRO C 76 19.57 11.88 0.68
C PRO C 76 20.62 10.86 0.24
N ALA C 77 21.50 11.26 -0.67
CA ALA C 77 22.49 10.34 -1.22
C ALA C 77 23.50 9.93 -0.14
N GLY C 78 23.78 8.64 -0.08
CA GLY C 78 24.74 8.11 0.87
C GLY C 78 24.20 8.01 2.29
N ASN C 79 22.98 8.50 2.49
CA ASN C 79 22.32 8.44 3.78
C ASN C 79 20.89 7.93 3.62
N VAL C 80 20.76 6.84 2.89
CA VAL C 80 19.47 6.19 2.65
C VAL C 80 18.60 6.12 3.90
N GLY C 87 8.77 12.40 10.32
CA GLY C 87 9.92 11.54 10.39
C GLY C 87 9.96 10.56 9.23
N GLU C 88 9.50 11.02 8.08
CA GLU C 88 9.47 10.24 6.84
C GLU C 88 10.19 11.03 5.76
N PRO C 89 10.57 10.36 4.65
CA PRO C 89 11.23 11.10 3.57
C PRO C 89 10.26 11.98 2.81
N LEU C 90 10.75 13.09 2.26
CA LEU C 90 9.94 13.91 1.38
C LEU C 90 9.45 13.10 0.20
N TYR C 91 8.24 13.39 -0.27
CA TYR C 91 7.70 12.76 -1.47
C TYR C 91 6.69 13.66 -2.15
N GLU C 92 6.29 13.26 -3.35
CA GLU C 92 5.25 13.94 -4.10
C GLU C 92 4.35 12.89 -4.74
N ASN C 93 3.05 13.17 -4.75
CA ASN C 93 2.07 12.28 -5.37
C ASN C 93 1.88 12.57 -6.87
N SER C 94 1.69 11.50 -7.64
CA SER C 94 1.37 11.65 -9.05
C SER C 94 -0.12 11.92 -9.22
N PRO C 95 -0.51 12.40 -10.40
CA PRO C 95 -1.95 12.41 -10.68
C PRO C 95 -2.48 10.98 -10.68
N GLU C 96 -3.77 10.80 -10.43
CA GLU C 96 -4.36 9.47 -10.60
C GLU C 96 -4.27 9.04 -12.06
N PHE C 97 -4.16 7.74 -12.28
CA PHE C 97 -4.01 7.17 -13.62
C PHE C 97 -4.80 5.87 -13.77
N THR C 98 -5.75 5.87 -14.70
CA THR C 98 -6.53 4.68 -15.02
C THR C 98 -6.13 4.21 -16.43
N PRO C 99 -5.28 3.17 -16.53
CA PRO C 99 -4.68 2.75 -17.79
C PRO C 99 -5.67 2.50 -18.93
N TYR C 100 -6.76 1.78 -18.65
CA TYR C 100 -7.72 1.41 -19.67
C TYR C 100 -8.32 2.64 -20.34
N LEU C 101 -8.42 3.75 -19.60
CA LEU C 101 -9.08 4.96 -20.11
C LEU C 101 -8.13 6.02 -20.64
N GLU C 102 -6.84 5.91 -20.32
CA GLU C 102 -5.92 7.03 -20.55
C GLU C 102 -4.69 6.69 -21.39
N THR C 103 -4.30 5.42 -21.44
CA THR C 103 -3.13 5.04 -22.22
C THR C 103 -3.34 5.45 -23.68
N ASN C 104 -2.32 6.02 -24.30
CA ASN C 104 -2.41 6.40 -25.70
C ASN C 104 -2.48 5.18 -26.60
N LEU C 105 -3.43 5.20 -27.53
CA LEU C 105 -3.48 4.21 -28.59
C LEU C 105 -2.26 4.42 -29.49
N GLY C 106 -1.50 3.36 -29.71
CA GLY C 106 -0.31 3.45 -30.52
C GLY C 106 -0.64 3.69 -31.98
N GLN C 107 0.36 4.10 -32.75
CA GLN C 107 0.19 4.30 -34.18
C GLN C 107 -0.20 2.97 -34.84
N PRO C 108 -1.35 2.93 -35.51
CA PRO C 108 -1.67 1.68 -36.20
C PRO C 108 -0.82 1.47 -37.42
N THR C 109 -0.90 0.29 -38.01
CA THR C 109 -0.20 -0.01 -39.25
C THR C 109 -1.05 -0.93 -40.12
N ILE C 110 -1.10 -0.63 -41.41
CA ILE C 110 -1.90 -1.39 -42.35
C ILE C 110 -1.18 -2.70 -42.70
N GLN C 111 -1.83 -3.82 -42.38
CA GLN C 111 -1.25 -5.14 -42.59
C GLN C 111 -1.24 -5.52 -44.07
N SER C 112 -2.39 -5.41 -44.71
CA SER C 112 -2.55 -5.77 -46.11
C SER C 112 -3.75 -5.07 -46.74
N PHE C 113 -3.81 -5.13 -48.07
CA PHE C 113 -5.00 -4.70 -48.79
C PHE C 113 -5.14 -5.50 -50.08
N GLU C 114 -6.34 -6.02 -50.32
CA GLU C 114 -6.64 -6.83 -51.49
C GLU C 114 -7.75 -6.18 -52.31
N GLN C 115 -7.64 -6.29 -53.64
CA GLN C 115 -8.62 -5.74 -54.57
C GLN C 115 -9.21 -6.83 -55.44
N VAL C 116 -10.53 -6.84 -55.55
CA VAL C 116 -11.21 -7.65 -56.55
C VAL C 116 -12.46 -6.94 -57.03
N GLY C 117 -12.51 -6.65 -58.32
CA GLY C 117 -13.64 -5.93 -58.89
C GLY C 117 -13.72 -4.52 -58.34
N THR C 118 -14.92 -4.10 -57.98
CA THR C 118 -15.15 -2.73 -57.53
C THR C 118 -15.13 -2.62 -55.99
N LYS C 119 -14.46 -3.56 -55.33
CA LYS C 119 -14.36 -3.56 -53.88
C LYS C 119 -12.94 -3.84 -53.40
N VAL C 120 -12.63 -3.35 -52.21
CA VAL C 120 -11.28 -3.47 -51.63
C VAL C 120 -11.35 -3.82 -50.15
N ASN C 121 -10.55 -4.82 -49.77
CA ASN C 121 -10.33 -5.12 -48.36
C ASN C 121 -9.11 -4.35 -47.88
N VAL C 122 -9.23 -3.73 -46.71
CA VAL C 122 -8.10 -3.12 -46.03
C VAL C 122 -8.05 -3.68 -44.64
N THR C 123 -6.99 -4.42 -44.35
CA THR C 123 -6.84 -5.11 -43.07
C THR C 123 -5.84 -4.37 -42.21
N VAL C 124 -6.23 -4.13 -40.96
CA VAL C 124 -5.37 -3.52 -39.98
C VAL C 124 -4.69 -4.61 -39.14
N GLU C 125 -3.39 -4.44 -38.90
CA GLU C 125 -2.65 -5.37 -38.05
C GLU C 125 -3.12 -5.24 -36.62
N ASP C 126 -3.37 -6.37 -35.96
CA ASP C 126 -3.80 -6.34 -34.57
C ASP C 126 -2.62 -5.98 -33.68
N GLU C 127 -2.52 -4.70 -33.31
CA GLU C 127 -1.43 -4.20 -32.49
C GLU C 127 -1.37 -4.91 -31.14
N ARG C 128 -0.22 -5.50 -30.81
CA ARG C 128 -0.05 -6.13 -29.52
C ARG C 128 0.28 -5.08 -28.45
N THR C 129 -0.18 -5.33 -27.24
CA THR C 129 0.00 -4.39 -26.12
C THR C 129 0.93 -5.00 -25.08
N LEU C 130 1.23 -4.24 -24.03
CA LEU C 130 2.15 -4.68 -23.00
C LEU C 130 1.45 -5.53 -21.94
N VAL C 131 0.16 -5.78 -22.12
CA VAL C 131 -0.59 -6.61 -21.19
C VAL C 131 -0.23 -8.09 -21.41
N ARG C 132 0.55 -8.65 -20.49
CA ARG C 132 0.91 -10.06 -20.55
C ARG C 132 -0.18 -10.94 -19.95
N ARG C 133 -0.46 -12.04 -20.62
CA ARG C 133 -1.34 -13.07 -20.08
C ARG C 133 -0.90 -14.42 -20.62
N ASN C 134 -0.62 -15.35 -19.73
CA ASN C 134 -0.18 -16.68 -20.12
C ASN C 134 1.11 -16.60 -20.93
N ASN C 135 2.03 -15.75 -20.48
CA ASN C 135 3.33 -15.60 -21.12
C ASN C 135 3.21 -15.10 -22.56
N THR C 136 2.12 -14.42 -22.88
CA THR C 136 1.92 -13.83 -24.19
C THR C 136 1.31 -12.45 -24.08
N PHE C 137 1.60 -11.60 -25.05
CA PHE C 137 1.08 -10.23 -25.06
C PHE C 137 -0.29 -10.19 -25.73
N LEU C 138 -1.28 -9.63 -25.03
CA LEU C 138 -2.62 -9.51 -25.58
C LEU C 138 -2.66 -8.41 -26.62
N SER C 139 -3.51 -8.61 -27.64
CA SER C 139 -3.66 -7.64 -28.71
C SER C 139 -4.54 -6.48 -28.27
N LEU C 140 -4.48 -5.38 -29.01
CA LEU C 140 -5.25 -4.19 -28.69
C LEU C 140 -6.74 -4.51 -28.59
N ARG C 141 -7.20 -5.44 -29.41
CA ARG C 141 -8.62 -5.78 -29.42
C ARG C 141 -8.94 -6.84 -28.37
N ASP C 142 -7.93 -7.59 -27.93
CA ASP C 142 -8.12 -8.51 -26.83
C ASP C 142 -8.48 -7.74 -25.56
N VAL C 143 -7.93 -6.53 -25.45
CA VAL C 143 -8.11 -5.70 -24.26
C VAL C 143 -9.39 -4.86 -24.30
N PHE C 144 -9.70 -4.32 -25.48
CA PHE C 144 -10.77 -3.33 -25.60
C PHE C 144 -12.06 -3.91 -26.18
N GLY C 145 -11.93 -4.94 -27.01
CA GLY C 145 -13.09 -5.52 -27.66
C GLY C 145 -13.87 -4.46 -28.41
N LYS C 146 -15.19 -4.47 -28.25
CA LYS C 146 -16.08 -3.61 -29.02
C LYS C 146 -15.86 -2.11 -28.74
N ASP C 147 -15.12 -1.79 -27.69
CA ASP C 147 -14.84 -0.39 -27.37
C ASP C 147 -13.97 0.27 -28.42
N LEU C 148 -13.27 -0.54 -29.21
CA LEU C 148 -12.30 -0.04 -30.18
C LEU C 148 -12.81 -0.14 -31.62
N ILE C 149 -12.77 0.98 -32.32
CA ILE C 149 -13.10 1.01 -33.74
C ILE C 149 -11.93 1.60 -34.53
N TYR C 150 -11.91 1.35 -35.83
CA TYR C 150 -10.93 1.96 -36.71
C TYR C 150 -11.62 2.81 -37.76
N THR C 151 -11.02 3.97 -38.04
CA THR C 151 -11.47 4.86 -39.10
C THR C 151 -10.50 4.78 -40.28
N LEU C 152 -11.01 4.41 -41.45
CA LEU C 152 -10.21 4.39 -42.66
C LEU C 152 -10.36 5.69 -43.43
N TYR C 153 -9.23 6.33 -43.74
CA TYR C 153 -9.21 7.44 -44.68
C TYR C 153 -8.69 6.93 -46.02
N TYR C 154 -9.45 7.14 -47.09
CA TYR C 154 -9.01 6.71 -48.40
C TYR C 154 -9.37 7.74 -49.47
N TRP C 155 -8.51 7.82 -50.48
CA TRP C 155 -8.63 8.84 -51.51
C TRP C 155 -7.82 8.48 -52.75
N LYS C 156 -8.08 9.20 -53.84
CA LYS C 156 -7.32 9.03 -55.08
C LYS C 156 -6.65 10.34 -55.48
N SER C 157 -5.89 10.29 -56.57
CA SER C 157 -5.15 11.45 -57.06
C SER C 157 -6.07 12.62 -57.39
N SER C 158 -7.30 12.31 -57.78
CA SER C 158 -8.28 13.31 -58.18
C SER C 158 -9.35 13.56 -57.12
N SER C 159 -9.14 13.01 -55.92
CA SER C 159 -10.09 13.17 -54.83
C SER C 159 -10.03 14.59 -54.26
N SER C 160 -11.16 15.29 -54.30
CA SER C 160 -11.25 16.63 -53.75
C SER C 160 -11.18 16.58 -52.23
N GLY C 161 -11.42 15.39 -51.67
CA GLY C 161 -11.35 15.18 -50.24
C GLY C 161 -11.30 13.70 -49.91
N LYS C 162 -10.74 13.38 -48.76
CA LYS C 162 -10.65 11.98 -48.33
C LYS C 162 -12.02 11.49 -47.89
N LYS C 163 -12.34 10.26 -48.24
CA LYS C 163 -13.55 9.61 -47.77
C LYS C 163 -13.24 8.82 -46.50
N THR C 164 -14.27 8.53 -45.71
CA THR C 164 -14.09 7.81 -44.46
C THR C 164 -14.96 6.58 -44.39
N ALA C 165 -14.41 5.51 -43.83
CA ALA C 165 -15.15 4.30 -43.52
C ALA C 165 -14.84 3.91 -42.08
N LYS C 166 -15.66 3.04 -41.50
CA LYS C 166 -15.51 2.66 -40.10
C LYS C 166 -15.80 1.18 -39.91
N THR C 167 -15.14 0.57 -38.93
CA THR C 167 -15.31 -0.85 -38.68
C THR C 167 -15.18 -1.23 -37.20
N ASN C 168 -16.05 -2.13 -36.77
CA ASN C 168 -15.99 -2.70 -35.43
C ASN C 168 -14.93 -3.78 -35.31
N THR C 169 -14.36 -4.18 -36.45
CA THR C 169 -13.33 -5.22 -36.50
C THR C 169 -12.02 -4.58 -36.96
N ASN C 170 -11.18 -5.36 -37.62
CA ASN C 170 -9.89 -4.87 -38.12
C ASN C 170 -9.82 -4.85 -39.65
N GLU C 171 -10.96 -4.98 -40.31
CA GLU C 171 -11.04 -4.95 -41.77
C GLU C 171 -12.07 -3.94 -42.26
N PHE C 172 -11.71 -3.23 -43.33
CA PHE C 172 -12.68 -2.41 -44.07
C PHE C 172 -13.01 -3.08 -45.41
N LEU C 173 -14.27 -2.96 -45.82
CA LEU C 173 -14.71 -3.43 -47.13
C LEU C 173 -15.45 -2.29 -47.83
N ILE C 174 -14.73 -1.56 -48.68
CA ILE C 174 -15.27 -0.35 -49.29
C ILE C 174 -15.51 -0.53 -50.78
N ASP C 175 -16.18 0.45 -51.38
CA ASP C 175 -16.36 0.49 -52.83
C ASP C 175 -15.41 1.51 -53.43
N VAL C 176 -14.91 1.22 -54.62
CA VAL C 176 -13.96 2.10 -55.30
C VAL C 176 -14.24 2.16 -56.78
N ASP C 177 -13.60 3.11 -57.46
CA ASP C 177 -13.73 3.23 -58.92
C ASP C 177 -12.76 2.27 -59.61
N LYS C 178 -13.20 1.76 -60.76
CA LYS C 178 -12.56 0.64 -61.42
C LYS C 178 -11.06 0.82 -61.66
N GLY C 179 -10.69 1.81 -62.47
CA GLY C 179 -9.34 1.93 -62.96
C GLY C 179 -8.37 2.70 -62.08
N GLU C 180 -8.85 3.18 -60.94
CA GLU C 180 -8.07 4.13 -60.15
C GLU C 180 -7.35 3.51 -58.95
N ASN C 181 -6.19 4.08 -58.63
CA ASN C 181 -5.41 3.69 -57.47
C ASN C 181 -5.72 4.57 -56.28
N TYR C 182 -5.91 3.95 -55.12
CA TYR C 182 -6.26 4.65 -53.89
C TYR C 182 -5.11 4.56 -52.88
N CYS C 183 -5.00 5.59 -52.04
CA CYS C 183 -4.12 5.53 -50.88
C CYS C 183 -4.97 5.40 -49.63
N PHE C 184 -4.36 4.88 -48.57
CA PHE C 184 -5.09 4.56 -47.35
C PHE C 184 -4.36 5.03 -46.10
N SER C 185 -5.12 5.22 -45.03
CA SER C 185 -4.56 5.57 -43.74
C SER C 185 -5.61 5.29 -42.67
N VAL C 186 -5.20 4.69 -41.57
CA VAL C 186 -6.13 4.33 -40.51
C VAL C 186 -5.82 5.02 -39.19
N GLN C 187 -6.87 5.18 -38.40
CA GLN C 187 -6.80 5.81 -37.09
C GLN C 187 -7.55 4.94 -36.10
N ALA C 188 -6.98 4.69 -34.94
CA ALA C 188 -7.65 3.93 -33.89
C ALA C 188 -8.47 4.88 -33.02
N VAL C 189 -9.72 4.51 -32.78
CA VAL C 189 -10.62 5.36 -31.99
C VAL C 189 -11.31 4.53 -30.92
N ILE C 190 -11.49 5.16 -29.76
CA ILE C 190 -12.30 4.62 -28.68
C ILE C 190 -13.32 5.70 -28.34
N PRO C 191 -14.49 5.65 -29.01
CA PRO C 191 -15.51 6.71 -28.89
C PRO C 191 -15.99 6.96 -27.46
N SER C 192 -15.91 5.94 -26.61
CA SER C 192 -16.43 6.07 -25.24
C SER C 192 -15.50 6.89 -24.34
N ARG C 193 -14.25 7.09 -24.76
CA ARG C 193 -13.30 7.85 -23.96
C ARG C 193 -13.65 9.33 -23.93
N THR C 194 -13.09 10.05 -22.97
CA THR C 194 -13.23 11.50 -22.87
C THR C 194 -11.90 12.18 -23.18
N VAL C 195 -10.80 11.50 -22.87
CA VAL C 195 -9.47 11.96 -23.24
C VAL C 195 -8.73 10.90 -24.05
N ASN C 196 -7.73 11.32 -24.82
CA ASN C 196 -6.94 10.43 -25.67
C ASN C 196 -7.84 9.49 -26.48
N ARG C 197 -8.85 10.05 -27.11
CA ARG C 197 -9.86 9.26 -27.81
C ARG C 197 -9.32 8.59 -29.06
N LYS C 198 -8.39 9.25 -29.73
CA LYS C 198 -7.89 8.78 -31.02
C LYS C 198 -6.38 8.61 -31.04
N SER C 199 -5.91 7.65 -31.84
CA SER C 199 -4.48 7.49 -32.07
C SER C 199 -4.00 8.46 -33.13
N THR C 200 -2.71 8.43 -33.42
CA THR C 200 -2.15 9.17 -34.54
C THR C 200 -2.51 8.40 -35.81
N ASP C 201 -2.31 9.04 -36.97
CA ASP C 201 -2.61 8.37 -38.23
C ASP C 201 -1.54 7.34 -38.56
N SER C 202 -1.94 6.27 -39.23
CA SER C 202 -1.00 5.24 -39.67
C SER C 202 -0.15 5.76 -40.81
N PRO C 203 1.00 5.11 -41.05
CA PRO C 203 1.73 5.39 -42.28
C PRO C 203 0.84 5.10 -43.48
N VAL C 204 0.99 5.89 -44.53
CA VAL C 204 0.15 5.75 -45.72
C VAL C 204 0.63 4.62 -46.63
N GLU C 205 -0.33 3.82 -47.09
CA GLU C 205 -0.07 2.78 -48.08
C GLU C 205 -0.91 3.04 -49.31
N CYS C 206 -0.29 2.96 -50.49
CA CYS C 206 -0.99 3.17 -51.75
C CYS C 206 -0.91 1.94 -52.64
N MET C 207 -1.91 1.78 -53.50
CA MET C 207 -1.94 0.69 -54.47
C MET C 207 -0.85 0.86 -55.52
C2 BGC D . 16.57 6.03 -30.49
C3 BGC D . 16.01 7.35 -30.01
C4 BGC D . 15.99 7.34 -28.50
C5 BGC D . 17.36 7.02 -27.94
C6 BGC D . 17.22 6.72 -26.46
C1 BGC D . 17.99 5.95 -29.98
O2 BGC D . 16.56 5.98 -31.90
O3 BGC D . 14.71 7.54 -30.50
O4 BGC D . 15.55 8.59 -28.03
O5 BGC D . 17.94 5.90 -28.57
O6 BGC D . 16.26 7.58 -25.89
H2 BGC D . 16.05 5.31 -30.12
H3 BGC D . 16.58 8.08 -30.31
H4 BGC D . 15.36 6.65 -28.20
H5 BGC D . 17.94 7.79 -28.06
H61 BGC D . 16.93 5.80 -26.35
H62 BGC D . 18.08 6.84 -26.03
H1 BGC D . 18.49 6.74 -30.26
HO2 BGC D . 16.12 5.25 -32.15
HO3 BGC D . 14.73 7.64 -31.39
HO4 BGC D . 14.74 8.77 -28.35
HO6 BGC D . 15.45 7.22 -25.96
C1 FUC E . 10.02 -9.50 -29.63
C2 FUC E . 10.80 -10.77 -29.98
C3 FUC E . 11.79 -11.14 -28.86
C4 FUC E . 11.08 -11.19 -27.50
C5 FUC E . 10.31 -9.88 -27.28
C6 FUC E . 9.46 -9.89 -26.01
O2 FUC E . 11.49 -10.64 -31.22
O3 FUC E . 12.34 -12.42 -29.09
O4 FUC E . 10.18 -12.30 -27.46
O5 FUC E . 9.42 -9.58 -28.37
H1 FUC E . 9.19 -9.35 -30.33
H2 FUC E . 10.09 -11.59 -30.09
H3 FUC E . 12.58 -10.38 -28.82
H4 FUC E . 11.83 -11.28 -26.71
H5 FUC E . 11.05 -9.08 -27.22
H61 FUC E . 8.73 -10.69 -26.06
H62 FUC E . 10.10 -10.03 -25.13
H63 FUC E . 8.92 -8.93 -25.89
HO2 FUC E . 11.19 -9.80 -31.60
HO3 FUC E . 11.58 -13.00 -29.31
N 0Z6 F . -9.82 14.54 19.94
CA 0Z6 F . -9.96 14.48 21.36
C 0Z6 F . -9.03 13.40 21.91
O 0Z6 F . -8.59 12.57 21.14
CB 0Z6 F . -9.64 15.81 22.03
CG 0Z6 F . -8.24 16.29 21.63
CD1 0Z6 F . -8.00 16.78 20.36
CD2 0Z6 F . -7.21 16.23 22.54
CE1 0Z6 F . -6.72 17.20 20.00
CE2 0Z6 F . -5.93 16.65 22.19
CZ 0Z6 F . -5.69 17.14 20.91
N1 0Z6 F . -8.66 13.34 23.32
CA1 0Z6 F . -7.80 12.29 23.80
C1 0Z6 F . -8.69 11.05 23.88
O1 0Z6 F . -9.78 11.14 24.42
CB1 0Z6 F . -7.23 12.52 25.17
CG1 0Z6 F . -6.12 13.56 25.09
CD11 0Z6 F . -4.88 13.20 24.56
CD21 0Z6 F . -6.34 14.85 25.54
CE11 0Z6 F . -3.88 14.15 24.48
CE21 0Z6 F . -5.33 15.80 25.45
CZ1 0Z6 F . -4.10 15.45 24.92
N2 0Z6 F . -8.21 9.79 23.33
CA2 0Z6 F . -9.04 8.62 23.39
C2 0Z6 F . -8.47 7.62 24.34
O2 0Z6 F . -9.52 6.81 24.80
CB2 0Z6 F . -9.12 8.01 21.99
CG2 0Z6 F . -9.61 9.10 20.99
CD 0Z6 F . -9.43 8.62 19.51
NE 0Z6 F . -10.16 9.51 18.63
CZ2 0Z6 F . -10.21 9.27 17.20
NH1 0Z6 F . -9.57 8.13 16.63
NH2 0Z6 F . -10.87 10.09 16.43
C3 0Z6 F . -7.76 8.28 25.54
H2 0Z6 F . -9.90 13.69 19.58
H 0Z6 F . -10.49 15.07 19.59
HA 0Z6 F . -10.89 14.23 21.58
HB2 0Z6 F . -10.30 16.48 21.75
HB3 0Z6 F . -9.68 15.70 23.00
HD1 0Z6 F . -8.73 16.81 19.71
HD2 0Z6 F . -7.38 15.88 23.45
HE1 0Z6 F . -6.56 17.55 19.10
HE2 0Z6 F . -5.20 16.61 22.84
HZ 0Z6 F . -4.80 17.44 20.67
H1 0Z6 F . -9.00 13.96 23.91
HA1 0Z6 F . -7.08 12.13 23.16
HB21 0Z6 F . -6.88 11.69 25.52
HB31 0Z6 F . -7.94 12.86 25.76
HD11 0Z6 F . -4.74 12.29 24.24
HD21 0Z6 F . -7.22 15.09 25.90
HE11 0Z6 F . -3.00 13.91 24.11
HE21 0Z6 F . -5.49 16.72 25.77
HZ1 0Z6 F . -3.39 16.11 24.87
H3 0Z6 F . -7.39 9.75 22.93
HA2 0Z6 F . -9.94 8.88 23.69
HB22 0Z6 F . -8.24 7.70 21.71
HB32 0Z6 F . -9.76 7.26 21.99
HG2 0Z6 F . -9.09 9.91 21.11
HG3 0Z6 F . -10.55 9.30 21.15
HD22 0Z6 F . -9.78 7.71 19.44
HD3 0Z6 F . -8.48 8.62 19.28
HE 0Z6 F . -10.58 10.24 18.98
HH11 0Z6 F . -9.60 7.99 15.72
HH12 0Z6 F . -9.10 7.56 17.15
HH21 0Z6 F . -11.30 10.81 16.80
HH22 0Z6 F . -10.92 9.94 15.53
H11 0Z6 F . -8.31 9.04 25.85
H21 0Z6 F . -7.66 7.63 26.25
H35 0Z6 F . -7.82 7.06 23.87
H36 0Z6 F . -9.92 6.40 24.10
CA CA G . -17.02 -10.90 29.68
C1 CIT H . -18.81 4.30 -55.38
O1 CIT H . -19.59 4.11 -56.34
O2 CIT H . -18.01 3.40 -55.07
C2 CIT H . -18.85 5.60 -54.61
C3 CIT H . -17.94 6.62 -55.26
O7 CIT H . -17.93 7.83 -54.47
C4 CIT H . -16.52 6.05 -55.37
C5 CIT H . -15.48 7.11 -55.14
O3 CIT H . -15.71 8.32 -55.40
O4 CIT H . -14.36 6.79 -54.68
C6 CIT H . -18.46 6.95 -56.66
O5 CIT H . -17.66 7.36 -57.54
O6 CIT H . -19.67 6.84 -56.94
H21 CIT H . -19.87 5.98 -54.58
H22 CIT H . -18.53 5.43 -53.58
HO7 CIT H . -18.27 8.57 -55.01
H41 CIT H . -16.38 5.61 -56.37
H42 CIT H . -16.41 5.25 -54.65
#